data_8A1C
#
_entry.id   8A1C
#
_cell.length_a   43.444
_cell.length_b   81.643
_cell.length_c   90.785
_cell.angle_alpha   90.000
_cell.angle_beta   90.000
_cell.angle_gamma   90.000
#
_symmetry.space_group_name_H-M   'P 21 21 21'
#
loop_
_entity.id
_entity.type
_entity.pdbx_description
1 polymer TraI
2 polymer '11mer oriT DNA'
3 non-polymer 'MANGANESE (II) ION'
4 water water
#
loop_
_entity_poly.entity_id
_entity_poly.type
_entity_poly.pdbx_seq_one_letter_code
_entity_poly.pdbx_strand_id
1 'polypeptide(L)'
;MLDITTITRQNVTSVVGYYSDAKDDYYSKDSSFTSWQGTGAEALGLSGDVESARFKELLVGEIDTFTHMQRHVGDAKKER
LGYDLTFSAPKGVSMQALIHGDKTIIEAHEKAVAAAVREAEKLAQARTTRQGKSVTQNTNNLVVATFRHETSRALDPDLH
THAFVMNMTQREDGQWRALKNDELMRNKMHLGDVYKQELALELTKAGYELRYNSKNNTFDMAHFSDEQIRAFSRRSEQIE
KGLAAMGLTRETADAQTKSRVSMATREKKTEHSREEIHQEWASRAKTLGIDFDNREWQGALEVLFQ
;
A
2 'polydeoxyribonucleotide' (DG)(DC)(DG)(DT)(DT)(DA)(DG)(DG)(DT)(DG)(DT) C
#
# COMPACT_ATOMS: atom_id res chain seq x y z
N MET A 1 -7.12 -0.15 4.74
CA MET A 1 -6.52 -1.48 4.45
C MET A 1 -5.03 -1.36 4.14
N LEU A 2 -4.20 -1.64 5.14
CA LEU A 2 -2.77 -1.38 5.07
C LEU A 2 -1.97 -2.62 5.44
N ASP A 3 -0.95 -2.91 4.64
CA ASP A 3 0.05 -3.92 4.95
C ASP A 3 1.41 -3.26 5.08
N ILE A 4 2.23 -3.80 5.98
CA ILE A 4 3.58 -3.30 6.22
C ILE A 4 4.57 -4.43 5.98
N THR A 5 5.54 -4.20 5.10
CA THR A 5 6.59 -5.16 4.81
C THR A 5 7.94 -4.47 4.95
N THR A 6 8.82 -5.07 5.73
CA THR A 6 10.17 -4.56 5.92
C THR A 6 11.03 -5.02 4.74
N ILE A 7 11.63 -4.06 4.03
CA ILE A 7 12.50 -4.35 2.89
C ILE A 7 13.93 -4.26 3.38
N THR A 8 14.63 -5.38 3.34
CA THR A 8 16.05 -5.44 3.68
C THR A 8 16.85 -5.82 2.44
N ARG A 9 18.18 -5.81 2.61
CA ARG A 9 19.05 -6.19 1.49
C ARG A 9 18.81 -7.64 1.09
N GLN A 10 18.19 -8.45 1.95
CA GLN A 10 17.95 -9.85 1.63
C GLN A 10 16.76 -10.01 0.69
N ASN A 11 15.68 -9.25 0.91
CA ASN A 11 14.47 -9.37 0.11
C ASN A 11 14.24 -8.18 -0.80
N VAL A 12 15.29 -7.40 -1.10
CA VAL A 12 15.13 -6.19 -1.90
C VAL A 12 14.63 -6.51 -3.29
N THR A 13 14.82 -7.74 -3.76
CA THR A 13 14.35 -8.11 -5.09
C THR A 13 12.84 -8.11 -5.21
N SER A 14 12.11 -7.83 -4.13
CA SER A 14 10.65 -7.67 -4.21
C SER A 14 10.26 -6.31 -4.78
N VAL A 15 11.20 -5.39 -4.93
CA VAL A 15 10.93 -4.04 -5.41
C VAL A 15 11.18 -3.88 -6.90
N VAL A 16 11.73 -4.92 -7.56
CA VAL A 16 12.10 -4.81 -8.97
C VAL A 16 10.96 -4.29 -9.82
N GLY A 17 9.71 -4.53 -9.40
CA GLY A 17 8.56 -4.22 -10.22
C GLY A 17 7.87 -2.90 -9.92
N TYR A 18 8.43 -2.06 -9.05
CA TYR A 18 7.72 -0.83 -8.68
C TYR A 18 7.39 0.03 -9.89
N TYR A 19 8.28 0.03 -10.88
CA TYR A 19 8.07 0.80 -12.10
C TYR A 19 7.45 -0.03 -13.22
N SER A 20 7.91 -1.26 -13.41
CA SER A 20 7.46 -2.05 -14.56
C SER A 20 6.02 -2.52 -14.40
N ASP A 21 5.56 -2.75 -13.16
CA ASP A 21 4.21 -3.25 -12.93
C ASP A 21 3.13 -2.25 -13.30
N ALA A 22 3.49 -1.01 -13.61
CA ALA A 22 2.52 0.03 -13.90
C ALA A 22 2.45 0.40 -15.38
N LYS A 23 3.27 -0.24 -16.22
CA LYS A 23 3.24 0.10 -17.64
C LYS A 23 1.91 -0.30 -18.26
N ASP A 24 1.42 0.56 -19.16
CA ASP A 24 0.16 0.34 -19.87
C ASP A 24 -1.02 0.19 -18.90
N ASP A 25 -0.88 0.67 -17.67
CA ASP A 25 -2.00 0.71 -16.74
C ASP A 25 -3.02 1.76 -17.20
N TYR A 26 -4.21 1.68 -16.61
CA TYR A 26 -5.29 2.57 -17.03
C TYR A 26 -4.97 4.03 -16.70
N TYR A 27 -4.59 4.30 -15.46
CA TYR A 27 -4.45 5.67 -14.96
C TYR A 27 -3.03 5.97 -14.50
N SER A 28 -2.03 5.32 -15.10
CA SER A 28 -0.66 5.48 -14.65
C SER A 28 -0.03 6.78 -15.11
N LYS A 29 -0.58 7.42 -16.14
CA LYS A 29 0.01 8.64 -16.69
C LYS A 29 -0.72 9.90 -16.22
N ASP A 30 -1.80 9.77 -15.46
CA ASP A 30 -2.52 10.93 -14.95
C ASP A 30 -2.51 10.93 -13.42
N SER A 32 1.56 11.69 -11.76
CA SER A 32 1.45 10.37 -12.39
C SER A 32 1.24 9.30 -11.31
N PHE A 33 1.76 8.09 -11.57
CA PHE A 33 1.61 7.00 -10.61
C PHE A 33 2.63 7.05 -9.48
N THR A 34 3.54 8.02 -9.48
CA THR A 34 4.52 8.18 -8.42
C THR A 34 4.43 9.58 -7.85
N SER A 35 4.90 9.74 -6.62
CA SER A 35 4.93 11.05 -5.98
C SER A 35 5.81 10.98 -4.74
N TRP A 36 6.59 12.03 -4.50
CA TRP A 36 7.33 12.18 -3.26
C TRP A 36 6.40 12.75 -2.20
N GLN A 37 6.43 12.18 -1.00
CA GLN A 37 5.60 12.65 0.10
C GLN A 37 6.43 12.69 1.38
N GLY A 38 5.93 13.45 2.35
CA GLY A 38 6.58 13.54 3.65
C GLY A 38 7.35 14.82 3.83
N THR A 39 7.32 15.36 5.06
CA THR A 39 8.10 16.57 5.33
C THR A 39 9.60 16.31 5.18
N GLY A 40 10.03 15.07 5.40
CA GLY A 40 11.43 14.75 5.17
C GLY A 40 11.81 14.92 3.72
N ALA A 41 10.97 14.44 2.80
CA ALA A 41 11.23 14.60 1.38
C ALA A 41 11.33 16.08 1.01
N GLU A 42 10.44 16.90 1.57
CA GLU A 42 10.52 18.34 1.35
C GLU A 42 11.86 18.88 1.79
N ALA A 43 12.36 18.45 2.95
CA ALA A 43 13.65 18.93 3.43
C ALA A 43 14.77 18.55 2.47
N LEU A 44 14.69 17.37 1.88
CA LEU A 44 15.68 16.94 0.88
C LEU A 44 15.40 17.53 -0.50
N GLY A 45 14.41 18.41 -0.62
CA GLY A 45 14.12 19.04 -1.90
C GLY A 45 13.48 18.12 -2.91
N LEU A 46 12.80 17.07 -2.45
CA LEU A 46 12.17 16.10 -3.33
C LEU A 46 10.69 16.43 -3.47
N SER A 47 10.20 16.45 -4.70
CA SER A 47 8.79 16.69 -4.94
C SER A 47 8.45 16.24 -6.36
N GLY A 48 7.16 16.00 -6.58
CA GLY A 48 6.71 15.54 -7.89
C GLY A 48 6.97 14.06 -8.09
N ASP A 49 7.24 13.70 -9.35
CA ASP A 49 7.47 12.31 -9.71
C ASP A 49 8.72 11.77 -9.02
N VAL A 50 8.73 10.47 -8.79
CA VAL A 50 9.85 9.79 -8.15
C VAL A 50 10.77 9.26 -9.25
N GLU A 51 12.00 9.78 -9.28
CA GLU A 51 13.00 9.36 -10.26
C GLU A 51 13.80 8.18 -9.73
N SER A 52 13.96 7.15 -10.55
CA SER A 52 14.58 5.91 -10.09
C SER A 52 16.00 6.15 -9.60
N ALA A 53 16.72 7.07 -10.22
CA ALA A 53 18.08 7.36 -9.79
C ALA A 53 18.10 7.79 -8.32
N ARG A 54 17.32 8.81 -7.97
CA ARG A 54 17.33 9.30 -6.59
C ARG A 54 16.74 8.28 -5.63
N PHE A 55 15.72 7.53 -6.07
CA PHE A 55 15.12 6.53 -5.19
C PHE A 55 16.16 5.50 -4.76
N LYS A 56 16.93 4.97 -5.71
CA LYS A 56 17.93 3.96 -5.38
C LYS A 56 19.02 4.53 -4.47
N GLU A 57 19.39 5.79 -4.68
CA GLU A 57 20.35 6.43 -3.80
C GLU A 57 19.85 6.45 -2.36
N LEU A 58 18.65 6.98 -2.15
CA LEU A 58 18.11 7.04 -0.79
C LEU A 58 17.84 5.66 -0.23
N LEU A 59 17.53 4.69 -1.09
CA LEU A 59 17.25 3.34 -0.62
C LEU A 59 18.44 2.76 0.14
N VAL A 60 19.66 3.03 -0.33
CA VAL A 60 20.86 2.45 0.27
C VAL A 60 21.46 3.40 1.29
N GLY A 61 20.80 4.53 1.54
CA GLY A 61 21.24 5.45 2.56
C GLY A 61 22.14 6.58 2.10
N GLU A 62 22.25 6.80 0.79
CA GLU A 62 23.09 7.86 0.25
C GLU A 62 22.25 9.13 0.13
N ILE A 63 22.28 9.94 1.19
CA ILE A 63 21.51 11.18 1.18
C ILE A 63 22.16 12.21 0.26
N ASP A 64 23.49 12.23 0.20
CA ASP A 64 24.22 13.08 -0.72
C ASP A 64 25.67 12.59 -0.74
N THR A 65 26.49 13.23 -1.57
CA THR A 65 27.90 12.82 -1.66
C THR A 65 28.61 12.97 -0.32
N PHE A 66 28.14 13.86 0.54
CA PHE A 66 28.78 14.09 1.84
C PHE A 66 28.27 13.17 2.93
N THR A 67 27.03 12.67 2.81
CA THR A 67 26.35 11.97 3.89
C THR A 67 25.89 10.59 3.44
N HIS A 68 26.44 9.55 4.07
CA HIS A 68 26.05 8.17 3.82
C HIS A 68 25.79 7.51 5.17
N MET A 69 24.61 6.92 5.33
CA MET A 69 24.26 6.30 6.59
C MET A 69 24.89 4.91 6.68
N GLN A 70 25.17 4.48 7.91
CA GLN A 70 25.69 3.15 8.19
C GLN A 70 24.69 2.45 9.11
N ARG A 71 23.68 1.80 8.51
CA ARG A 71 22.60 1.16 9.24
C ARG A 71 22.83 -0.32 9.48
N HIS A 72 24.09 -0.76 9.48
CA HIS A 72 24.43 -2.17 9.72
C HIS A 72 25.56 -2.25 10.73
N VAL A 73 25.63 -3.38 11.42
CA VAL A 73 26.66 -3.62 12.43
C VAL A 73 27.51 -4.82 12.02
N ASP A 75 26.06 -7.40 10.32
CA ASP A 75 25.42 -8.13 9.24
C ASP A 75 24.69 -7.19 8.29
N ALA A 76 25.33 -6.86 7.17
CA ALA A 76 24.69 -5.99 6.19
C ALA A 76 23.54 -6.69 5.48
N LYS A 77 23.54 -8.03 5.44
CA LYS A 77 22.43 -8.76 4.83
C LYS A 77 21.10 -8.35 5.46
N LYS A 78 21.09 -8.09 6.76
CA LYS A 78 19.88 -7.73 7.48
C LYS A 78 19.67 -6.23 7.54
N GLU A 79 20.48 -5.45 6.83
CA GLU A 79 20.29 -4.00 6.81
C GLU A 79 18.91 -3.66 6.26
N ARG A 80 18.20 -2.81 7.00
CA ARG A 80 16.86 -2.39 6.60
C ARG A 80 16.94 -1.15 5.73
N LEU A 81 16.32 -1.22 4.55
CA LEU A 81 16.34 -0.12 3.60
C LEU A 81 15.08 0.73 3.64
N GLY A 82 13.97 0.19 4.09
CA GLY A 82 12.74 0.94 4.15
C GLY A 82 11.59 0.07 4.58
N TYR A 83 10.39 0.60 4.45
CA TYR A 83 9.18 -0.10 4.85
C TYR A 83 8.10 0.15 3.82
N ASP A 84 7.62 -0.93 3.19
CA ASP A 84 6.57 -0.84 2.20
C ASP A 84 5.22 -0.77 2.91
N LEU A 85 4.59 0.40 2.87
CA LEU A 85 3.25 0.60 3.41
C LEU A 85 2.28 0.51 2.24
N THR A 86 1.67 -0.67 2.07
CA THR A 86 0.78 -0.92 0.94
C THR A 86 -0.66 -0.63 1.35
N PHE A 87 -1.24 0.40 0.76
CA PHE A 87 -2.65 0.74 0.96
C PHE A 87 -3.44 0.16 -0.20
N SER A 88 -4.26 -0.85 0.08
CA SER A 88 -5.10 -1.49 -0.94
C SER A 88 -6.54 -1.01 -0.79
N ALA A 89 -7.17 -0.71 -1.92
CA ALA A 89 -8.58 -0.39 -1.92
C ALA A 89 -9.42 -1.67 -1.85
N PRO A 90 -10.64 -1.59 -1.34
CA PRO A 90 -11.52 -2.77 -1.33
C PRO A 90 -11.65 -3.35 -2.72
N LYS A 91 -11.81 -4.67 -2.78
CA LYS A 91 -11.85 -5.35 -4.07
C LYS A 91 -12.95 -4.79 -4.96
N GLY A 92 -14.15 -4.62 -4.42
CA GLY A 92 -15.23 -4.06 -5.21
C GLY A 92 -14.93 -2.67 -5.71
N VAL A 93 -14.26 -1.86 -4.89
CA VAL A 93 -13.84 -0.53 -5.33
C VAL A 93 -12.90 -0.65 -6.51
N SER A 94 -11.95 -1.59 -6.44
CA SER A 94 -11.03 -1.80 -7.56
C SER A 94 -11.77 -2.20 -8.82
N MET A 95 -12.72 -3.13 -8.71
CA MET A 95 -13.46 -3.59 -9.89
C MET A 95 -14.19 -2.47 -10.57
N GLN A 96 -14.86 -1.60 -9.79
CA GLN A 96 -15.58 -0.48 -10.38
C GLN A 96 -14.63 0.52 -11.02
N ALA A 97 -13.48 0.76 -10.39
CA ALA A 97 -12.56 1.77 -10.91
C ALA A 97 -11.81 1.29 -12.15
N LEU A 98 -11.49 0.00 -12.22
CA LEU A 98 -10.61 -0.52 -13.27
C LEU A 98 -11.34 -1.23 -14.40
N ILE A 99 -12.42 -1.95 -14.09
CA ILE A 99 -13.17 -2.64 -15.14
C ILE A 99 -14.16 -1.67 -15.81
N HIS A 100 -14.99 -1.00 -15.00
CA HIS A 100 -15.92 -0.03 -15.55
C HIS A 100 -15.20 1.25 -15.95
N GLY A 101 -14.32 1.75 -15.08
CA GLY A 101 -13.56 2.94 -15.38
C GLY A 101 -14.13 4.21 -14.77
N ASP A 102 -13.57 4.64 -13.65
CA ASP A 102 -13.97 5.88 -13.00
C ASP A 102 -12.75 6.52 -12.37
N LYS A 103 -12.26 7.60 -12.98
CA LYS A 103 -11.08 8.28 -12.44
C LYS A 103 -11.35 8.84 -11.06
N THR A 104 -12.61 9.20 -10.76
CA THR A 104 -12.92 9.76 -9.46
C THR A 104 -12.49 8.83 -8.33
N ILE A 105 -12.53 7.52 -8.55
CA ILE A 105 -12.10 6.58 -7.52
C ILE A 105 -10.58 6.65 -7.34
N ILE A 106 -9.85 6.91 -8.42
CA ILE A 106 -8.40 7.03 -8.31
C ILE A 106 -8.04 8.24 -7.45
N GLU A 107 -8.75 9.37 -7.64
CA GLU A 107 -8.47 10.56 -6.86
C GLU A 107 -8.73 10.33 -5.38
N ALA A 108 -9.79 9.57 -5.06
CA ALA A 108 -10.11 9.28 -3.67
C ALA A 108 -9.03 8.44 -3.01
N HIS A 109 -8.56 7.41 -3.73
CA HIS A 109 -7.51 6.55 -3.20
C HIS A 109 -6.23 7.35 -2.93
N GLU A 110 -5.86 8.25 -3.83
CA GLU A 110 -4.66 9.04 -3.63
C GLU A 110 -4.81 10.01 -2.47
N LYS A 111 -5.98 10.62 -2.33
CA LYS A 111 -6.22 11.51 -1.19
C LYS A 111 -6.17 10.75 0.13
N ALA A 112 -6.74 9.54 0.15
CA ALA A 112 -6.74 8.74 1.37
C ALA A 112 -5.33 8.23 1.70
N VAL A 113 -4.53 7.94 0.69
CA VAL A 113 -3.14 7.56 0.95
C VAL A 113 -2.37 8.76 1.50
N ALA A 114 -2.51 9.93 0.86
CA ALA A 114 -1.80 11.12 1.33
C ALA A 114 -2.20 11.46 2.76
N ALA A 115 -3.49 11.36 3.08
CA ALA A 115 -3.93 11.59 4.45
C ALA A 115 -3.28 10.59 5.41
N ALA A 116 -3.19 9.32 4.99
CA ALA A 116 -2.61 8.31 5.87
C ALA A 116 -1.12 8.52 6.09
N VAL A 117 -0.42 8.97 5.04
CA VAL A 117 1.01 9.24 5.18
C VAL A 117 1.24 10.37 6.19
N ARG A 118 0.41 11.42 6.14
CA ARG A 118 0.57 12.53 7.06
C ARG A 118 0.44 12.07 8.51
N GLU A 119 -0.53 11.20 8.78
CA GLU A 119 -0.68 10.69 10.14
C GLU A 119 0.51 9.82 10.54
N ALA A 120 1.05 9.06 9.59
CA ALA A 120 2.20 8.22 9.89
C ALA A 120 3.38 9.05 10.35
N GLU A 121 3.54 10.25 9.78
CA GLU A 121 4.67 11.11 10.13
C GLU A 121 4.70 11.43 11.62
N LYS A 122 3.52 11.52 12.25
CA LYS A 122 3.47 11.79 13.69
C LYS A 122 4.03 10.65 14.53
N LEU A 123 4.36 9.52 13.92
CA LEU A 123 4.89 8.36 14.65
C LEU A 123 6.38 8.14 14.42
N ALA A 124 7.02 8.95 13.59
CA ALA A 124 8.44 8.77 13.34
C ALA A 124 9.25 9.00 14.61
N GLN A 125 10.17 8.08 14.89
CA GLN A 125 11.01 8.14 16.07
C GLN A 125 12.43 7.73 15.72
N ALA A 126 13.38 8.22 16.52
CA ALA A 126 14.79 7.89 16.35
C ALA A 126 15.45 7.86 17.72
N ARG A 127 16.64 7.27 17.77
CA ARG A 127 17.37 7.09 19.01
C ARG A 127 18.57 8.04 19.04
N THR A 128 18.72 8.74 20.16
CA THR A 128 19.86 9.60 20.43
C THR A 128 20.59 9.07 21.67
N THR A 129 21.53 9.87 22.19
CA THR A 129 22.27 9.51 23.39
C THR A 129 22.39 10.76 24.25
N ARG A 130 21.93 10.68 25.49
CA ARG A 130 22.00 11.77 26.45
C ARG A 130 22.55 11.22 27.76
N GLN A 131 23.64 11.81 28.26
CA GLN A 131 24.27 11.38 29.50
C GLN A 131 24.71 9.93 29.42
N GLY A 132 25.25 9.54 28.26
CA GLY A 132 25.67 8.18 28.01
C GLY A 132 24.55 7.18 27.77
N LYS A 133 23.31 7.51 28.14
CA LYS A 133 22.18 6.62 27.91
C LYS A 133 21.54 6.91 26.57
N SER A 134 20.94 5.87 25.99
CA SER A 134 20.19 6.02 24.75
C SER A 134 18.74 6.39 25.07
N VAL A 135 18.21 7.35 24.31
CA VAL A 135 16.86 7.83 24.49
C VAL A 135 16.16 7.85 23.14
N THR A 136 14.86 8.13 23.18
CA THR A 136 14.01 8.17 22.00
C THR A 136 13.35 9.54 21.89
N GLN A 137 13.32 10.09 20.68
CA GLN A 137 12.68 11.37 20.41
C GLN A 137 11.75 11.23 19.22
N ASN A 138 10.68 12.04 19.23
CA ASN A 138 9.75 12.12 18.11
C ASN A 138 10.27 13.16 17.12
N THR A 139 10.43 12.76 15.86
CA THR A 139 11.03 13.60 14.83
C THR A 139 10.01 14.22 13.88
N ASN A 140 8.89 13.55 13.63
CA ASN A 140 7.79 14.12 12.85
C ASN A 140 8.19 14.40 11.41
N ASN A 141 9.00 13.53 10.82
CA ASN A 141 9.36 13.69 9.43
C ASN A 141 9.70 12.33 8.84
N LEU A 142 9.25 12.10 7.60
CA LEU A 142 9.53 10.87 6.87
C LEU A 142 9.81 11.22 5.42
N VAL A 143 10.52 10.34 4.74
CA VAL A 143 10.76 10.44 3.30
C VAL A 143 10.03 9.27 2.67
N VAL A 144 8.99 9.57 1.87
CA VAL A 144 8.11 8.55 1.33
C VAL A 144 8.03 8.74 -0.19
N ALA A 145 8.21 7.63 -0.90
CA ALA A 145 8.01 7.56 -2.35
C ALA A 145 6.87 6.57 -2.60
N THR A 146 5.78 7.05 -3.20
CA THR A 146 4.60 6.24 -3.45
C THR A 146 4.60 5.70 -4.87
N PHE A 147 4.11 4.48 -5.03
CA PHE A 147 3.99 3.83 -6.33
C PHE A 147 2.61 3.20 -6.42
N ARG A 148 1.82 3.65 -7.39
CA ARG A 148 0.44 3.18 -7.55
C ARG A 148 0.34 2.12 -8.63
N HIS A 149 -0.21 0.96 -8.27
CA HIS A 149 -0.39 -0.15 -9.19
C HIS A 149 -1.86 -0.55 -9.26
N GLU A 150 -2.22 -1.24 -10.34
CA GLU A 150 -3.61 -1.61 -10.61
C GLU A 150 -3.87 -3.10 -10.64
N THR A 151 -2.85 -3.94 -10.57
CA THR A 151 -3.03 -5.38 -10.72
C THR A 151 -2.40 -6.12 -9.53
N SER A 152 -2.97 -7.28 -9.23
CA SER A 152 -2.40 -8.16 -8.21
C SER A 152 -1.48 -9.18 -8.87
N ARG A 153 -0.77 -9.95 -8.04
CA ARG A 153 0.13 -10.96 -8.56
C ARG A 153 -0.61 -12.06 -9.33
N ALA A 154 -1.91 -12.23 -9.08
CA ALA A 154 -2.72 -13.18 -9.84
C ALA A 154 -3.43 -12.54 -11.03
N LEU A 155 -3.02 -11.33 -11.41
CA LEU A 155 -3.58 -10.64 -12.58
C LEU A 155 -5.04 -10.25 -12.39
N ASP A 156 -5.43 -9.97 -11.14
CA ASP A 156 -6.76 -9.45 -10.83
C ASP A 156 -6.69 -7.95 -10.65
N PRO A 157 -7.82 -7.25 -10.82
CA PRO A 157 -7.83 -5.81 -10.52
C PRO A 157 -7.62 -5.59 -9.03
N ASP A 158 -6.62 -4.77 -8.69
CA ASP A 158 -6.31 -4.48 -7.29
C ASP A 158 -5.64 -3.11 -7.24
N LEU A 159 -6.42 -2.07 -6.98
CA LEU A 159 -5.89 -0.72 -6.88
C LEU A 159 -5.19 -0.57 -5.53
N HIS A 160 -3.87 -0.38 -5.58
CA HIS A 160 -3.08 -0.23 -4.37
C HIS A 160 -1.89 0.67 -4.65
N THR A 161 -1.36 1.26 -3.58
CA THR A 161 -0.18 2.12 -3.66
C THR A 161 0.86 1.62 -2.69
N HIS A 162 2.09 1.47 -3.18
CA HIS A 162 3.24 1.16 -2.34
C HIS A 162 3.79 2.48 -1.82
N ALA A 163 3.54 2.78 -0.54
CA ALA A 163 4.09 3.99 0.08
C ALA A 163 5.40 3.59 0.76
N PHE A 164 6.50 3.68 0.02
CA PHE A 164 7.78 3.19 0.51
C PHE A 164 8.41 4.22 1.44
N VAL A 165 8.52 3.88 2.71
CA VAL A 165 9.09 4.77 3.72
C VAL A 165 10.56 4.42 3.87
N MET A 166 11.43 5.33 3.43
CA MET A 166 12.86 5.13 3.60
C MET A 166 13.19 4.95 5.08
N ASN A 167 14.24 4.16 5.34
CA ASN A 167 14.70 3.94 6.70
C ASN A 167 15.64 5.08 7.11
N MET A 168 15.04 6.26 7.25
CA MET A 168 15.80 7.45 7.59
C MET A 168 14.85 8.48 8.16
N THR A 169 15.34 9.25 9.12
CA THR A 169 14.59 10.37 9.68
C THR A 169 15.60 11.37 10.23
N GLN A 170 15.30 12.66 10.06
CA GLN A 170 16.18 13.72 10.52
C GLN A 170 15.89 14.03 11.97
N ARG A 171 16.91 13.95 12.83
CA ARG A 171 16.75 14.21 14.24
C ARG A 171 16.79 15.71 14.51
N GLU A 172 16.66 16.08 15.78
CA GLU A 172 16.69 17.48 16.15
C GLU A 172 18.02 18.13 15.79
N ASP A 173 19.12 17.36 15.90
CA ASP A 173 20.45 17.91 15.62
C ASP A 173 20.81 17.90 14.14
N GLY A 174 19.85 17.60 13.26
CA GLY A 174 20.09 17.62 11.84
C GLY A 174 20.62 16.33 11.26
N GLN A 175 21.00 15.37 12.10
CA GLN A 175 21.53 14.10 11.62
C GLN A 175 20.41 13.21 11.11
N TRP A 176 20.66 12.53 9.99
CA TRP A 176 19.74 11.53 9.45
C TRP A 176 20.09 10.17 10.04
N ARG A 177 19.12 9.53 10.70
CA ARG A 177 19.37 8.27 11.37
C ARG A 177 18.23 7.29 11.08
N ALA A 178 18.48 6.03 11.36
CA ALA A 178 17.49 4.98 11.11
C ALA A 178 16.27 5.18 11.98
N LEU A 179 15.11 4.90 11.41
CA LEU A 179 13.86 5.02 12.15
C LEU A 179 13.76 3.96 13.24
N LYS A 180 13.05 4.31 14.30
CA LYS A 180 12.61 3.35 15.30
C LYS A 180 11.18 2.96 14.90
N ASN A 181 11.03 1.81 14.25
CA ASN A 181 9.78 1.46 13.61
C ASN A 181 8.70 1.01 14.58
N ASP A 182 9.04 0.76 15.85
CA ASP A 182 8.09 0.14 16.78
C ASP A 182 6.73 0.82 16.73
N GLU A 183 6.70 2.15 16.84
CA GLU A 183 5.42 2.85 16.88
C GLU A 183 4.66 2.67 15.58
N LEU A 184 5.36 2.65 14.45
CA LEU A 184 4.66 2.51 13.17
C LEU A 184 4.01 1.13 13.06
N MET A 185 4.71 0.09 13.50
CA MET A 185 4.15 -1.26 13.42
C MET A 185 2.93 -1.40 14.31
N ARG A 186 2.97 -0.84 15.52
CA ARG A 186 1.84 -0.95 16.43
C ARG A 186 0.61 -0.23 15.91
N ASN A 187 0.79 0.76 15.03
CA ASN A 187 -0.29 1.59 14.54
C ASN A 187 -0.74 1.21 13.14
N LYS A 188 -0.46 -0.01 12.69
CA LYS A 188 -0.85 -0.40 11.34
C LYS A 188 -2.36 -0.26 11.15
N MET A 189 -3.15 -0.80 12.07
CA MET A 189 -4.60 -0.77 11.92
C MET A 189 -5.13 0.66 11.96
N HIS A 190 -4.59 1.49 12.85
CA HIS A 190 -5.03 2.89 12.90
C HIS A 190 -4.77 3.60 11.59
N LEU A 191 -3.59 3.39 10.99
CA LEU A 191 -3.28 4.04 9.71
C LEU A 191 -4.18 3.54 8.60
N GLY A 192 -4.54 2.25 8.63
CA GLY A 192 -5.51 1.75 7.68
C GLY A 192 -6.87 2.39 7.85
N ASP A 193 -7.28 2.63 9.09
CA ASP A 193 -8.57 3.27 9.35
C ASP A 193 -8.60 4.69 8.80
N VAL A 194 -7.50 5.43 8.96
CA VAL A 194 -7.41 6.76 8.37
C VAL A 194 -7.65 6.68 6.86
N TYR A 195 -6.95 5.76 6.20
CA TYR A 195 -7.14 5.58 4.77
C TYR A 195 -8.58 5.19 4.46
N LYS A 196 -9.11 4.21 5.19
CA LYS A 196 -10.47 3.76 4.94
C LYS A 196 -11.48 4.88 5.15
N GLN A 197 -11.33 5.65 6.23
CA GLN A 197 -12.28 6.70 6.55
C GLN A 197 -12.30 7.77 5.46
N GLU A 198 -11.11 8.21 5.01
CA GLU A 198 -11.05 9.19 3.94
C GLU A 198 -11.62 8.62 2.65
N LEU A 199 -11.24 7.39 2.31
CA LEU A 199 -11.73 6.79 1.07
C LEU A 199 -13.25 6.67 1.10
N ALA A 200 -13.81 6.22 2.23
CA ALA A 200 -15.26 6.08 2.33
C ALA A 200 -15.95 7.43 2.18
N LEU A 201 -15.41 8.47 2.83
CA LEU A 201 -16.01 9.80 2.71
C LEU A 201 -15.99 10.29 1.27
N GLU A 202 -14.88 10.08 0.57
CA GLU A 202 -14.79 10.55 -0.82
C GLU A 202 -15.68 9.73 -1.74
N LEU A 203 -15.74 8.41 -1.52
CA LEU A 203 -16.64 7.59 -2.33
C LEU A 203 -18.09 7.96 -2.08
N THR A 204 -18.44 8.29 -0.84
CA THR A 204 -19.81 8.72 -0.55
C THR A 204 -20.13 10.04 -1.23
N LYS A 205 -19.17 10.97 -1.25
CA LYS A 205 -19.40 12.22 -1.96
C LYS A 205 -19.53 12.02 -3.46
N ALA A 206 -19.03 10.91 -4.00
CA ALA A 206 -19.14 10.62 -5.42
C ALA A 206 -20.46 9.93 -5.78
N GLY A 207 -21.21 9.45 -4.80
CA GLY A 207 -22.47 8.81 -5.05
C GLY A 207 -22.45 7.30 -5.11
N TYR A 208 -21.56 6.65 -4.36
CA TYR A 208 -21.46 5.21 -4.34
C TYR A 208 -22.11 4.68 -3.06
N GLU A 209 -22.97 3.66 -3.21
CA GLU A 209 -23.52 2.97 -2.06
C GLU A 209 -22.52 1.96 -1.54
N LEU A 210 -22.24 2.02 -0.24
CA LEU A 210 -21.24 1.18 0.40
C LEU A 210 -21.88 0.29 1.45
N ARG A 211 -21.25 -0.86 1.70
CA ARG A 211 -21.64 -1.78 2.75
C ARG A 211 -20.52 -1.90 3.76
N TYR A 212 -20.87 -2.20 5.01
CA TYR A 212 -19.94 -2.21 6.11
C TYR A 212 -19.92 -3.58 6.78
N ASN A 213 -18.72 -4.01 7.19
CA ASN A 213 -18.52 -5.26 7.91
C ASN A 213 -17.91 -4.91 9.28
N SER A 214 -18.74 -4.93 10.32
CA SER A 214 -18.27 -4.57 11.65
C SER A 214 -17.36 -5.62 12.26
N LYS A 215 -17.33 -6.84 11.70
CA LYS A 215 -16.46 -7.88 12.25
C LYS A 215 -14.99 -7.55 12.02
N ASN A 216 -14.64 -7.13 10.80
CA ASN A 216 -13.26 -6.78 10.47
C ASN A 216 -13.07 -5.29 10.22
N ASN A 217 -14.10 -4.47 10.41
CA ASN A 217 -14.03 -3.03 10.22
C ASN A 217 -13.53 -2.69 8.81
N THR A 218 -14.28 -3.16 7.82
CA THR A 218 -13.98 -2.90 6.42
C THR A 218 -15.27 -2.54 5.70
N PHE A 219 -15.13 -1.99 4.49
CA PHE A 219 -16.27 -1.65 3.66
C PHE A 219 -15.95 -2.02 2.22
N ASP A 220 -16.97 -1.95 1.36
CA ASP A 220 -16.83 -2.25 -0.05
C ASP A 220 -18.06 -1.72 -0.77
N MET A 221 -18.10 -1.93 -2.09
CA MET A 221 -19.25 -1.54 -2.89
C MET A 221 -20.42 -2.48 -2.60
N ALA A 222 -21.63 -1.92 -2.62
CA ALA A 222 -22.82 -2.67 -2.24
C ALA A 222 -23.51 -3.35 -3.43
N HIS A 223 -23.08 -3.08 -4.66
CA HIS A 223 -23.71 -3.67 -5.83
C HIS A 223 -22.97 -4.90 -6.34
N PHE A 224 -22.09 -5.48 -5.53
CA PHE A 224 -21.37 -6.69 -5.87
C PHE A 224 -21.65 -7.75 -4.82
N SER A 225 -22.02 -8.95 -5.28
CA SER A 225 -22.27 -10.05 -4.37
C SER A 225 -20.95 -10.56 -3.79
N ASP A 226 -21.06 -11.33 -2.70
CA ASP A 226 -19.88 -11.93 -2.10
C ASP A 226 -19.21 -12.92 -3.04
N GLU A 227 -19.94 -13.42 -4.03
CA GLU A 227 -19.37 -14.36 -4.99
C GLU A 227 -18.69 -13.64 -6.15
N GLN A 228 -19.26 -12.51 -6.59
CA GLN A 228 -18.64 -11.75 -7.67
C GLN A 228 -17.30 -11.16 -7.22
N ILE A 229 -17.20 -10.75 -5.96
CA ILE A 229 -15.93 -10.27 -5.44
C ILE A 229 -14.94 -11.42 -5.34
N ARG A 230 -15.39 -12.57 -4.85
CA ARG A 230 -14.49 -13.72 -4.70
C ARG A 230 -13.86 -14.10 -6.03
N ALA A 231 -14.62 -14.00 -7.13
CA ALA A 231 -14.11 -14.40 -8.44
C ALA A 231 -12.90 -13.56 -8.87
N PHE A 232 -12.76 -12.35 -8.34
CA PHE A 232 -11.64 -11.48 -8.63
C PHE A 232 -10.65 -11.41 -7.47
N SER A 233 -10.61 -12.44 -6.63
CA SER A 233 -9.73 -12.47 -5.45
C SER A 233 -8.93 -13.78 -5.45
N ARG A 234 -8.14 -13.97 -6.50
CA ARG A 234 -7.46 -15.25 -6.69
C ARG A 234 -6.31 -15.43 -5.71
N ARG A 235 -5.59 -14.36 -5.38
CA ARG A 235 -4.48 -14.47 -4.44
C ARG A 235 -4.97 -14.90 -3.07
N SER A 236 -6.09 -14.33 -2.61
CA SER A 236 -6.65 -14.74 -1.33
C SER A 236 -7.03 -16.22 -1.35
N GLU A 237 -7.57 -16.69 -2.48
CA GLU A 237 -7.89 -18.11 -2.59
C GLU A 237 -6.61 -18.95 -2.57
N GLN A 238 -5.55 -18.49 -3.23
CA GLN A 238 -4.30 -19.23 -3.24
C GLN A 238 -3.73 -19.36 -1.84
N ILE A 239 -3.85 -18.30 -1.03
CA ILE A 239 -3.30 -18.34 0.32
C ILE A 239 -4.15 -19.26 1.20
N GLU A 240 -5.46 -19.30 0.97
CA GLU A 240 -6.31 -20.22 1.73
C GLU A 240 -6.00 -21.67 1.36
N LYS A 241 -5.77 -21.94 0.06
CA LYS A 241 -5.39 -23.28 -0.34
C LYS A 241 -4.00 -23.64 0.19
N GLY A 242 -3.10 -22.66 0.25
CA GLY A 242 -1.78 -22.93 0.79
C GLY A 242 -1.83 -23.34 2.25
N LEU A 243 -2.59 -22.60 3.07
CA LEU A 243 -2.74 -22.96 4.47
C LEU A 243 -3.45 -24.29 4.61
N ALA A 244 -4.47 -24.54 3.77
CA ALA A 244 -5.15 -25.83 3.82
C ALA A 244 -4.19 -26.99 3.60
N ALA A 245 -3.16 -26.78 2.77
CA ALA A 245 -2.16 -27.82 2.55
C ALA A 245 -1.36 -28.09 3.82
N MET A 246 -1.23 -27.09 4.69
CA MET A 246 -0.54 -27.22 5.96
C MET A 246 -1.47 -27.65 7.10
N GLY A 247 -2.68 -28.08 6.78
CA GLY A 247 -3.64 -28.40 7.83
C GLY A 247 -3.98 -27.21 8.71
N LEU A 248 -4.22 -26.06 8.10
CA LEU A 248 -4.47 -24.83 8.84
C LEU A 248 -5.56 -24.03 8.14
N THR A 249 -6.18 -23.13 8.90
CA THR A 249 -7.15 -22.18 8.37
C THR A 249 -6.67 -20.77 8.68
N ARG A 250 -7.39 -19.78 8.12
CA ARG A 250 -6.95 -18.40 8.25
C ARG A 250 -6.90 -17.94 9.70
N GLU A 251 -7.57 -18.65 10.61
CA GLU A 251 -7.56 -18.31 12.04
C GLU A 251 -6.50 -19.08 12.82
N THR A 252 -6.39 -20.39 12.59
CA THR A 252 -5.39 -21.20 13.29
C THR A 252 -3.97 -20.79 12.91
N ALA A 253 -3.79 -20.12 11.78
CA ALA A 253 -2.46 -19.72 11.33
C ALA A 253 -2.10 -18.34 11.88
N ASP A 254 -0.81 -18.14 12.07
CA ASP A 254 -0.30 -16.86 12.56
C ASP A 254 0.13 -15.99 11.38
N ALA A 255 0.11 -14.68 11.58
CA ALA A 255 0.52 -13.75 10.54
C ALA A 255 1.94 -14.04 10.07
N GLN A 256 2.80 -14.56 10.96
CA GLN A 256 4.14 -14.95 10.55
C GLN A 256 4.11 -15.99 9.44
N THR A 257 3.36 -17.08 9.66
CA THR A 257 3.25 -18.12 8.64
C THR A 257 2.41 -17.65 7.46
N LYS A 258 1.27 -17.00 7.74
CA LYS A 258 0.39 -16.57 6.66
C LYS A 258 1.10 -15.62 5.70
N SER A 259 2.03 -14.80 6.21
CA SER A 259 2.78 -13.91 5.33
C SER A 259 3.70 -14.71 4.40
N ARG A 260 4.29 -15.79 4.91
CA ARG A 260 5.14 -16.62 4.07
C ARG A 260 4.33 -17.40 3.04
N VAL A 261 3.07 -17.73 3.37
CA VAL A 261 2.23 -18.42 2.41
C VAL A 261 1.95 -17.53 1.21
N SER A 262 2.01 -16.21 1.38
CA SER A 262 1.78 -15.31 0.26
C SER A 262 2.92 -15.39 -0.75
N MET A 263 4.17 -15.29 -0.28
CA MET A 263 5.31 -15.36 -1.19
C MET A 263 5.45 -16.76 -1.79
N ALA A 264 5.30 -17.80 -0.96
CA ALA A 264 5.44 -19.16 -1.46
C ALA A 264 4.40 -19.46 -2.53
N THR A 265 3.16 -18.99 -2.34
CA THR A 265 2.11 -19.15 -3.34
C THR A 265 2.26 -18.18 -4.50
N ARG A 266 3.06 -17.13 -4.32
CA ARG A 266 3.25 -16.14 -5.38
C ARG A 266 3.79 -16.80 -6.65
N GLU A 267 3.31 -16.33 -7.79
CA GLU A 267 3.77 -16.80 -9.10
C GLU A 267 4.58 -15.70 -9.77
N LYS A 268 5.34 -16.11 -10.79
CA LYS A 268 6.29 -15.19 -11.43
C LYS A 268 5.56 -14.25 -12.39
N GLU A 271 4.29 -13.39 -18.92
CA GLU A 271 4.18 -12.45 -20.03
C GLU A 271 2.80 -12.47 -20.66
N HIS A 272 2.04 -11.39 -20.46
CA HIS A 272 0.74 -11.23 -21.08
C HIS A 272 0.50 -9.74 -21.30
N SER A 273 0.04 -9.36 -22.48
CA SER A 273 -0.22 -7.96 -22.76
C SER A 273 -1.29 -7.42 -21.81
N ARG A 274 -1.14 -6.13 -21.46
CA ARG A 274 -2.18 -5.48 -20.66
C ARG A 274 -3.50 -5.46 -21.40
N GLU A 275 -3.47 -5.42 -22.73
CA GLU A 275 -4.70 -5.48 -23.50
C GLU A 275 -5.44 -6.78 -23.24
N GLU A 276 -4.71 -7.89 -23.08
CA GLU A 276 -5.34 -9.16 -22.80
C GLU A 276 -5.99 -9.16 -21.43
N ILE A 277 -5.26 -8.69 -20.42
CA ILE A 277 -5.77 -8.72 -19.05
C ILE A 277 -7.05 -7.91 -18.95
N HIS A 278 -7.07 -6.72 -19.54
CA HIS A 278 -8.23 -5.85 -19.43
C HIS A 278 -9.46 -6.48 -20.08
N GLN A 279 -9.31 -7.00 -21.30
CA GLN A 279 -10.42 -7.70 -21.94
C GLN A 279 -10.88 -8.89 -21.11
N GLU A 280 -9.93 -9.64 -20.56
CA GLU A 280 -10.29 -10.78 -19.71
C GLU A 280 -11.15 -10.33 -18.54
N TRP A 281 -10.85 -9.16 -17.97
CA TRP A 281 -11.65 -8.65 -16.85
C TRP A 281 -13.10 -8.41 -17.27
N ALA A 282 -13.30 -7.79 -18.44
CA ALA A 282 -14.65 -7.48 -18.90
C ALA A 282 -15.45 -8.76 -19.11
N SER A 283 -14.92 -9.69 -19.90
CA SER A 283 -15.65 -10.93 -20.19
C SER A 283 -16.01 -11.65 -18.89
N ARG A 284 -15.04 -11.84 -18.01
CA ARG A 284 -15.33 -12.49 -16.73
C ARG A 284 -16.43 -11.76 -15.99
N ALA A 285 -16.35 -10.43 -15.92
CA ALA A 285 -17.41 -9.65 -15.30
C ALA A 285 -18.75 -9.90 -15.99
N LYS A 286 -18.74 -10.09 -17.31
CA LYS A 286 -19.98 -10.41 -18.03
C LYS A 286 -20.46 -11.82 -17.71
N THR A 287 -19.53 -12.76 -17.50
CA THR A 287 -19.93 -14.12 -17.15
C THR A 287 -20.64 -14.16 -15.80
N LEU A 288 -20.17 -13.36 -14.84
CA LEU A 288 -20.76 -13.29 -13.51
C LEU A 288 -22.07 -12.50 -13.47
N GLY A 289 -22.51 -11.94 -14.59
CA GLY A 289 -23.70 -11.12 -14.57
C GLY A 289 -23.55 -9.82 -13.81
N ILE A 290 -22.37 -9.22 -13.84
CA ILE A 290 -22.12 -7.96 -13.13
C ILE A 290 -22.63 -6.81 -13.97
N ASP A 291 -23.41 -5.93 -13.35
CA ASP A 291 -23.82 -4.67 -13.94
C ASP A 291 -23.12 -3.54 -13.18
N PHE A 292 -22.18 -2.88 -13.83
CA PHE A 292 -21.39 -1.85 -13.17
C PHE A 292 -22.12 -0.51 -13.07
N ASP A 293 -23.19 -0.33 -13.86
CA ASP A 293 -23.96 0.92 -13.84
C ASP A 293 -24.70 1.01 -12.49
N ASN A 294 -23.95 1.46 -11.46
CA ASN A 294 -24.52 1.57 -10.12
C ASN A 294 -24.05 2.81 -9.39
N ARG A 295 -23.55 3.83 -10.09
CA ARG A 295 -23.29 5.14 -9.49
C ARG A 295 -24.51 6.01 -9.75
N GLU A 296 -25.51 5.88 -8.86
CA GLU A 296 -26.80 6.55 -9.05
C GLU A 296 -27.25 7.32 -7.82
N TRP A 297 -26.37 7.52 -6.83
CA TRP A 297 -26.71 8.28 -5.64
C TRP A 297 -27.92 7.66 -4.94
N GLN A 298 -27.75 6.41 -4.51
CA GLN A 298 -28.81 5.66 -3.85
C GLN A 298 -28.20 4.90 -2.67
N GLY A 299 -29.06 4.22 -1.93
CA GLY A 299 -28.63 3.41 -0.80
C GLY A 299 -29.01 4.03 0.53
N ALA A 300 -28.79 3.25 1.58
CA ALA A 300 -29.17 3.63 2.93
C ALA A 300 -28.01 4.19 3.74
N LEU A 301 -26.91 4.54 3.09
CA LEU A 301 -25.77 5.17 3.75
C LEU A 301 -25.36 4.38 5.00
N GLU A 302 -24.88 3.16 4.74
CA GLU A 302 -24.50 2.27 5.84
C GLU A 302 -23.20 2.70 6.50
N VAL A 303 -22.32 3.37 5.77
CA VAL A 303 -21.01 3.75 6.28
C VAL A 303 -20.95 5.27 6.43
N LEU A 304 -21.92 5.83 7.16
CA LEU A 304 -22.02 7.27 7.29
C LEU A 304 -21.19 7.79 8.45
N PHE A 305 -21.69 7.65 9.67
CA PHE A 305 -21.05 8.22 10.86
C PHE A 305 -19.73 7.54 11.19
#